data_7T2M
#
_entry.id   7T2M
#
_cell.length_a   111.106
_cell.length_b   61.570
_cell.length_c   79.511
_cell.angle_alpha   90.000
_cell.angle_beta   112.685
_cell.angle_gamma   90.000
#
_symmetry.space_group_name_H-M   'C 1 2 1'
#
loop_
_entity.id
_entity.type
_entity.pdbx_description
1 polymer 'Transcriptional enhancer factor TEF-4'
2 non-polymer (3aR,4R,7aS)-4-[2-(trifluoromethyl)anilino]octahydro-2H-isoindole-2-carbonitrile
#
_entity_poly.entity_id   1
_entity_poly.type   'polypeptide(L)'
_entity_poly.pdbx_seq_one_letter_code
;GHMAWQARGLGTARLQLVEFSAFVEPPDAVDSYQRHLFVHISQHCPSPGAPPLESVDVRQIYDKFPEKKGGLRELYDRGP
PHAFFLVKFWADLNWGPSGEEAGAGGSISSGGFYGVSSQYESLEHMTLTCSSKVCSFGKQVVEKVETERAQLEDGRFVYR
LLRSPMCEYLVNFLHKLRQLPERYMMNSVLENFTILQVVTNRDTQELLLCTAYVFEVSTSERGAQHHIYRLVRD
;
_entity_poly.pdbx_strand_id   B,A
#
loop_
_chem_comp.id
_chem_comp.type
_chem_comp.name
_chem_comp.formula
EGK non-polymer (3aR,4R,7aS)-4-[2-(trifluoromethyl)anilino]octahydro-2H-isoindole-2-carbonitrile 'C16 H18 F3 N3'
#
# COMPACT_ATOMS: atom_id res chain seq x y z
N GLY A 9 -3.81 16.74 -21.26
CA GLY A 9 -3.43 15.41 -20.78
C GLY A 9 -3.55 15.24 -19.27
N LEU A 10 -3.16 14.06 -18.78
CA LEU A 10 -3.24 13.77 -17.35
C LEU A 10 -2.12 14.46 -16.58
N GLY A 11 -2.49 15.11 -15.48
CA GLY A 11 -1.53 15.78 -14.63
C GLY A 11 -1.87 17.22 -14.31
N THR A 12 -1.61 17.62 -13.07
CA THR A 12 -1.35 19.02 -12.81
C THR A 12 0.00 19.42 -13.36
N ALA A 13 0.22 20.72 -13.47
CA ALA A 13 1.55 21.19 -13.79
C ALA A 13 2.56 20.86 -12.70
N ARG A 14 2.09 20.54 -11.49
CA ARG A 14 2.98 20.11 -10.42
C ARG A 14 3.47 18.68 -10.62
N LEU A 15 2.68 17.84 -11.31
CA LEU A 15 3.04 16.44 -11.55
C LEU A 15 2.30 15.94 -12.78
N GLN A 16 3.02 15.50 -13.80
CA GLN A 16 2.38 14.87 -14.95
C GLN A 16 2.76 13.39 -15.02
N LEU A 17 1.76 12.56 -15.21
CA LEU A 17 2.04 11.21 -15.64
C LEU A 17 2.72 11.22 -17.01
N VAL A 18 4.00 10.87 -17.06
CA VAL A 18 4.64 10.67 -18.36
C VAL A 18 4.09 9.43 -19.06
N GLU A 19 4.10 8.28 -18.35
CA GLU A 19 3.74 7.01 -18.96
C GLU A 19 3.26 6.05 -17.87
N PHE A 20 2.40 5.11 -18.26
CA PHE A 20 2.05 3.99 -17.40
C PHE A 20 1.55 2.83 -18.27
N SER A 21 1.95 1.62 -17.91
CA SER A 21 1.51 0.42 -18.63
C SER A 21 1.52 -0.76 -17.69
N ALA A 22 0.47 -1.55 -17.69
CA ALA A 22 0.55 -2.92 -17.23
C ALA A 22 0.76 -3.84 -18.41
N PHE A 23 1.60 -4.85 -18.22
CA PHE A 23 2.05 -5.60 -19.37
C PHE A 23 2.38 -7.03 -18.93
N VAL A 24 2.43 -7.91 -19.92
CA VAL A 24 3.14 -9.17 -19.81
C VAL A 24 4.08 -9.34 -20.99
N GLU A 25 5.31 -9.79 -20.70
CA GLU A 25 6.24 -10.26 -21.71
C GLU A 25 6.18 -11.77 -21.78
N PRO A 26 5.86 -12.38 -22.94
CA PRO A 26 5.78 -13.80 -23.02
C PRO A 26 7.16 -14.40 -22.71
N PRO A 27 7.21 -15.65 -22.24
CA PRO A 27 8.50 -16.22 -21.83
C PRO A 27 9.51 -16.25 -22.95
N ASP A 28 9.07 -16.32 -24.20
CA ASP A 28 9.96 -16.34 -25.36
C ASP A 28 10.61 -15.00 -25.63
N ALA A 29 10.25 -13.94 -24.92
CA ALA A 29 10.86 -12.63 -25.16
C ALA A 29 12.34 -12.60 -24.81
N VAL A 30 12.81 -13.55 -23.98
CA VAL A 30 14.25 -13.62 -23.70
C VAL A 30 15.04 -13.84 -24.99
N ASP A 31 14.46 -14.59 -25.93
CA ASP A 31 15.08 -14.75 -27.26
C ASP A 31 14.75 -13.56 -28.14
N SER A 32 13.47 -13.41 -28.48
CA SER A 32 13.00 -12.34 -29.36
C SER A 32 11.91 -11.57 -28.62
N TYR A 33 12.13 -10.27 -28.43
CA TYR A 33 11.37 -9.50 -27.46
C TYR A 33 10.06 -9.06 -28.08
N GLN A 34 8.99 -9.17 -27.28
CA GLN A 34 7.71 -8.52 -27.50
C GLN A 34 7.06 -8.33 -26.14
N ARG A 35 6.09 -7.41 -26.06
CA ARG A 35 5.36 -7.24 -24.82
C ARG A 35 3.88 -6.97 -25.09
N HIS A 36 3.01 -7.63 -24.33
CA HIS A 36 1.59 -7.35 -24.38
C HIS A 36 1.25 -6.26 -23.38
N LEU A 37 0.59 -5.20 -23.86
CA LEU A 37 0.04 -4.15 -23.01
C LEU A 37 -1.44 -4.42 -22.76
N PHE A 38 -1.80 -4.72 -21.51
CA PHE A 38 -3.21 -4.70 -21.14
C PHE A 38 -3.79 -3.29 -21.13
N VAL A 39 -3.07 -2.31 -20.57
CA VAL A 39 -3.45 -0.91 -20.59
C VAL A 39 -2.18 -0.07 -20.62
N HIS A 40 -2.30 1.13 -21.19
CA HIS A 40 -1.11 1.91 -21.49
C HIS A 40 -1.48 3.38 -21.64
N ILE A 41 -0.69 4.27 -21.03
CA ILE A 41 -0.73 5.69 -21.34
C ILE A 41 0.67 6.20 -21.59
N SER A 42 0.84 7.11 -22.55
CA SER A 42 2.15 7.67 -22.85
C SER A 42 2.00 9.09 -23.35
N GLN A 43 2.36 10.05 -22.49
CA GLN A 43 2.38 11.46 -22.85
C GLN A 43 3.80 12.04 -22.89
N HIS A 44 4.79 11.20 -23.22
CA HIS A 44 6.18 11.61 -23.37
C HIS A 44 6.37 12.84 -24.25
N PRO A 52 -8.13 20.57 -25.44
CA PRO A 52 -8.59 20.51 -24.04
C PRO A 52 -9.47 19.29 -23.72
N LEU A 53 -9.41 18.84 -22.47
CA LEU A 53 -9.94 17.53 -22.10
C LEU A 53 -11.40 17.64 -21.74
N GLU A 54 -12.14 16.54 -21.91
CA GLU A 54 -13.56 16.58 -21.57
C GLU A 54 -13.74 16.37 -20.07
N SER A 55 -14.98 16.44 -19.59
CA SER A 55 -15.27 16.52 -18.16
C SER A 55 -16.42 15.59 -17.80
N VAL A 56 -16.32 15.03 -16.58
CA VAL A 56 -17.35 14.20 -15.97
C VAL A 56 -17.64 14.73 -14.56
N ASP A 57 -18.92 14.83 -14.23
CA ASP A 57 -19.30 15.39 -12.93
C ASP A 57 -19.05 14.36 -11.84
N VAL A 58 -18.31 14.76 -10.80
CA VAL A 58 -17.71 13.79 -9.89
C VAL A 58 -18.79 12.96 -9.22
N ARG A 59 -19.98 13.55 -9.05
CA ARG A 59 -21.09 12.87 -8.42
C ARG A 59 -21.55 11.66 -9.23
N GLN A 60 -21.31 11.67 -10.55
CA GLN A 60 -21.75 10.53 -11.36
C GLN A 60 -21.08 9.23 -10.94
N ILE A 61 -19.85 9.30 -10.46
CA ILE A 61 -19.10 8.10 -10.13
C ILE A 61 -18.88 7.93 -8.65
N TYR A 62 -19.48 8.79 -7.81
CA TYR A 62 -19.37 8.63 -6.37
C TYR A 62 -19.70 7.20 -5.95
N ASP A 63 -20.76 6.64 -6.53
CA ASP A 63 -21.26 5.34 -6.10
C ASP A 63 -20.20 4.26 -6.26
N LYS A 64 -19.41 4.33 -7.34
CA LYS A 64 -18.51 3.25 -7.70
C LYS A 64 -17.36 3.09 -6.71
N PHE A 65 -17.15 4.06 -5.82
CA PHE A 65 -15.98 4.16 -4.95
C PHE A 65 -16.41 4.24 -3.49
N PRO A 66 -15.49 4.24 -2.52
CA PRO A 66 -15.92 4.43 -1.13
C PRO A 66 -16.63 5.76 -0.93
N GLU A 67 -17.64 5.73 -0.05
CA GLU A 67 -18.12 6.90 0.66
C GLU A 67 -17.47 7.03 2.04
N LYS A 68 -16.17 6.72 2.11
CA LYS A 68 -15.38 6.51 3.31
C LYS A 68 -14.34 7.62 3.48
N LYS A 69 -13.47 7.47 4.48
CA LYS A 69 -12.26 8.29 4.59
C LYS A 69 -11.21 7.77 3.62
N GLY A 70 -10.85 8.60 2.64
CA GLY A 70 -10.24 8.11 1.41
C GLY A 70 -11.22 7.83 0.28
N GLY A 71 -12.47 8.24 0.41
CA GLY A 71 -13.41 8.14 -0.68
C GLY A 71 -13.59 9.44 -1.45
N LEU A 72 -13.94 9.27 -2.73
CA LEU A 72 -13.68 10.28 -3.74
C LEU A 72 -14.26 11.62 -3.32
N ARG A 73 -15.45 11.60 -2.75
CA ARG A 73 -16.10 12.82 -2.31
C ARG A 73 -15.25 13.57 -1.28
N GLU A 74 -14.74 12.85 -0.29
CA GLU A 74 -13.93 13.50 0.73
C GLU A 74 -12.69 14.15 0.14
N LEU A 75 -11.94 13.42 -0.69
CA LEU A 75 -10.71 13.97 -1.25
C LEU A 75 -11.00 15.17 -2.14
N TYR A 76 -12.08 15.11 -2.92
CA TYR A 76 -12.42 16.23 -3.79
C TYR A 76 -12.78 17.48 -2.98
N ASP A 77 -13.48 17.31 -1.86
CA ASP A 77 -13.74 18.45 -1.01
C ASP A 77 -12.43 19.06 -0.50
N ARG A 78 -11.46 18.21 -0.14
CA ARG A 78 -10.14 18.71 0.21
C ARG A 78 -9.48 19.47 -0.93
N GLY A 79 -9.83 19.17 -2.18
CA GLY A 79 -9.21 19.80 -3.33
C GLY A 79 -7.84 19.23 -3.64
N PRO A 80 -7.10 19.92 -4.54
CA PRO A 80 -7.63 20.89 -5.50
C PRO A 80 -8.33 20.25 -6.70
N PRO A 81 -9.37 20.93 -7.19
CA PRO A 81 -10.25 20.27 -8.19
C PRO A 81 -9.58 20.05 -9.51
N HIS A 82 -8.53 20.80 -9.81
CA HIS A 82 -7.82 20.57 -11.05
C HIS A 82 -6.87 19.38 -10.96
N ALA A 83 -6.85 18.68 -9.82
CA ALA A 83 -6.01 17.50 -9.65
C ALA A 83 -6.77 16.20 -9.84
N PHE A 84 -8.06 16.25 -10.09
CA PHE A 84 -8.90 15.06 -10.08
C PHE A 84 -9.31 14.72 -11.51
N PHE A 85 -9.14 13.45 -11.88
CA PHE A 85 -9.26 13.00 -13.25
C PHE A 85 -9.99 11.66 -13.27
N LEU A 86 -10.49 11.30 -14.44
CA LEU A 86 -11.00 9.96 -14.68
C LEU A 86 -10.33 9.42 -15.91
N VAL A 87 -9.88 8.15 -15.86
CA VAL A 87 -9.33 7.45 -17.02
C VAL A 87 -10.15 6.20 -17.28
N LYS A 88 -10.91 6.19 -18.36
CA LYS A 88 -11.56 4.97 -18.79
C LYS A 88 -10.57 4.16 -19.61
N PHE A 89 -10.40 2.90 -19.22
CA PHE A 89 -9.46 1.99 -19.84
C PHE A 89 -10.23 0.96 -20.63
N TRP A 90 -9.84 0.75 -21.88
CA TRP A 90 -10.25 -0.42 -22.65
C TRP A 90 -9.06 -1.38 -22.74
N ALA A 91 -9.12 -2.48 -21.98
CA ALA A 91 -7.98 -3.37 -21.87
C ALA A 91 -7.91 -4.30 -23.07
N ASP A 92 -6.69 -4.62 -23.49
CA ASP A 92 -6.45 -5.69 -24.46
C ASP A 92 -6.17 -6.96 -23.67
N LEU A 93 -7.08 -7.93 -23.76
CA LEU A 93 -6.91 -9.23 -23.14
C LEU A 93 -6.62 -10.33 -24.17
N ASN A 94 -6.26 -9.92 -25.39
CA ASN A 94 -5.90 -10.83 -26.47
C ASN A 94 -4.43 -11.20 -26.34
N TRP A 95 -4.15 -12.21 -25.50
CA TRP A 95 -2.81 -12.79 -25.43
C TRP A 95 -2.81 -14.29 -25.07
N GLY A 111 5.39 -19.17 -16.74
CA GLY A 111 6.72 -18.62 -16.61
C GLY A 111 6.94 -17.25 -17.23
N GLY A 112 5.82 -16.59 -17.61
CA GLY A 112 5.92 -15.24 -18.11
C GLY A 112 6.05 -14.20 -17.02
N PHE A 113 6.44 -12.99 -17.43
CA PHE A 113 6.56 -11.85 -16.52
C PHE A 113 5.40 -10.87 -16.71
N TYR A 114 4.63 -10.67 -15.64
CA TYR A 114 3.54 -9.70 -15.58
C TYR A 114 3.98 -8.48 -14.78
N GLY A 115 3.93 -7.30 -15.39
CA GLY A 115 4.58 -6.13 -14.83
C GLY A 115 3.72 -4.89 -14.94
N VAL A 116 4.01 -3.92 -14.05
CA VAL A 116 3.42 -2.59 -14.06
C VAL A 116 4.53 -1.55 -13.92
N SER A 117 4.53 -0.55 -14.80
CA SER A 117 5.57 0.48 -14.79
C SER A 117 4.96 1.85 -14.97
N SER A 118 5.32 2.79 -14.10
CA SER A 118 4.72 4.11 -14.10
C SER A 118 5.79 5.18 -13.96
N GLN A 119 5.56 6.33 -14.58
CA GLN A 119 6.56 7.38 -14.58
C GLN A 119 5.84 8.72 -14.51
N TYR A 120 6.35 9.61 -13.66
CA TYR A 120 5.78 10.94 -13.48
C TYR A 120 6.90 11.96 -13.54
N GLU A 121 6.56 13.19 -13.90
CA GLU A 121 7.54 14.27 -14.01
C GLU A 121 7.08 15.50 -13.22
N SER A 122 8.01 16.11 -12.51
CA SER A 122 7.79 17.39 -11.84
C SER A 122 8.99 18.30 -12.04
N LEU A 123 8.73 19.60 -11.87
CA LEU A 123 9.79 20.59 -11.77
C LEU A 123 10.17 20.91 -10.34
N GLU A 124 9.41 20.41 -9.38
CA GLU A 124 9.75 20.50 -7.98
C GLU A 124 10.39 19.21 -7.55
N HIS A 125 11.35 19.30 -6.63
CA HIS A 125 11.79 18.10 -5.92
C HIS A 125 10.84 17.85 -4.76
N MET A 126 10.05 16.77 -4.86
CA MET A 126 9.22 16.32 -3.76
C MET A 126 9.39 14.81 -3.58
N THR A 127 9.02 14.35 -2.41
CA THR A 127 8.85 12.93 -2.16
C THR A 127 7.37 12.60 -2.15
N LEU A 128 6.95 11.73 -3.06
CA LEU A 128 5.54 11.45 -3.35
C LEU A 128 5.06 10.21 -2.62
N THR A 129 3.79 10.19 -2.30
CA THR A 129 3.14 9.02 -1.74
C THR A 129 1.99 8.67 -2.64
N CYS A 130 2.00 7.45 -3.17
CA CYS A 130 1.03 7.05 -4.19
C CYS A 130 0.18 5.91 -3.62
N SER A 131 -1.03 6.26 -3.16
CA SER A 131 -2.02 5.27 -2.75
C SER A 131 -2.78 4.79 -3.98
N SER A 132 -2.84 3.48 -4.18
CA SER A 132 -3.74 2.90 -5.18
C SER A 132 -4.71 1.95 -4.50
N LYS A 133 -5.99 2.29 -4.53
CA LYS A 133 -7.04 1.54 -3.85
C LYS A 133 -7.89 0.84 -4.89
N VAL A 134 -8.14 -0.45 -4.71
CA VAL A 134 -9.07 -1.17 -5.57
C VAL A 134 -10.40 -1.28 -4.82
N CYS A 135 -11.45 -0.68 -5.38
CA CYS A 135 -12.80 -0.75 -4.81
C CYS A 135 -13.67 -1.59 -5.72
N SER A 136 -14.02 -2.78 -5.25
CA SER A 136 -14.94 -3.67 -5.93
C SER A 136 -16.32 -3.60 -5.29
N PHE A 137 -17.34 -3.31 -6.10
CA PHE A 137 -18.69 -3.10 -5.63
C PHE A 137 -18.79 -1.89 -4.70
N GLY A 138 -17.92 -0.91 -4.91
CA GLY A 138 -17.87 0.26 -4.06
C GLY A 138 -17.13 0.09 -2.75
N LYS A 139 -16.73 -1.13 -2.41
CA LYS A 139 -16.10 -1.46 -1.14
C LYS A 139 -14.63 -1.77 -1.40
N GLN A 140 -13.74 -0.99 -0.78
CA GLN A 140 -12.31 -1.18 -1.03
C GLN A 140 -11.87 -2.54 -0.52
N VAL A 141 -11.18 -3.30 -1.37
CA VAL A 141 -10.63 -4.58 -1.00
C VAL A 141 -9.15 -4.48 -0.64
N VAL A 142 -8.34 -3.94 -1.55
CA VAL A 142 -6.90 -3.92 -1.39
C VAL A 142 -6.41 -2.50 -1.67
N GLU A 143 -5.24 -2.17 -1.09
CA GLU A 143 -4.63 -0.84 -1.18
C GLU A 143 -3.12 -0.99 -1.10
N LYS A 144 -2.40 -0.39 -2.06
CA LYS A 144 -0.95 -0.30 -1.99
C LYS A 144 -0.55 1.16 -1.91
N VAL A 145 0.29 1.47 -0.94
CA VAL A 145 0.80 2.82 -0.75
C VAL A 145 2.31 2.76 -0.79
N GLU A 146 2.92 3.61 -1.62
CA GLU A 146 4.36 3.55 -1.86
C GLU A 146 4.91 4.96 -1.89
N THR A 147 6.19 5.08 -1.57
CA THR A 147 6.89 6.35 -1.55
C THR A 147 8.01 6.35 -2.59
N GLU A 148 8.05 7.38 -3.42
CA GLU A 148 9.08 7.53 -4.45
C GLU A 148 9.66 8.94 -4.40
N ARG A 149 10.99 9.01 -4.46
CA ARG A 149 11.71 10.28 -4.39
C ARG A 149 12.17 10.69 -5.77
N ALA A 150 12.41 11.98 -5.93
CA ALA A 150 12.65 12.51 -7.27
C ALA A 150 14.05 12.13 -7.76
N GLN A 151 14.22 12.09 -9.08
CA GLN A 151 15.54 11.90 -9.69
C GLN A 151 15.72 12.82 -10.89
N LEU A 152 16.73 13.69 -10.83
CA LEU A 152 16.85 14.81 -11.75
C LEU A 152 17.31 14.33 -13.11
N GLU A 153 16.58 14.72 -14.16
CA GLU A 153 16.97 14.36 -15.53
C GLU A 153 16.58 15.52 -16.44
N ASP A 154 17.56 16.06 -17.16
CA ASP A 154 17.38 16.99 -18.29
C ASP A 154 16.36 18.10 -17.96
N GLY A 155 16.54 18.70 -16.79
CA GLY A 155 15.69 19.80 -16.40
C GLY A 155 14.28 19.44 -16.01
N ARG A 156 14.07 18.20 -15.55
CA ARG A 156 12.83 17.79 -14.90
C ARG A 156 13.16 16.78 -13.82
N PHE A 157 12.37 16.76 -12.76
CA PHE A 157 12.48 15.72 -11.74
C PHE A 157 11.57 14.57 -12.10
N VAL A 158 12.13 13.37 -12.28
CA VAL A 158 11.38 12.22 -12.77
C VAL A 158 11.24 11.18 -11.66
N TYR A 159 10.03 10.62 -11.53
CA TYR A 159 9.65 9.67 -10.48
C TYR A 159 9.36 8.33 -11.14
N ARG A 160 10.16 7.31 -10.82
CA ARG A 160 10.23 6.09 -11.61
C ARG A 160 9.90 4.87 -10.77
N LEU A 161 8.89 4.12 -11.22
CA LEU A 161 8.37 2.94 -10.51
C LEU A 161 8.27 1.78 -11.50
N LEU A 162 9.37 1.51 -12.21
CA LEU A 162 9.36 0.72 -13.44
C LEU A 162 9.59 -0.77 -13.18
N ARG A 163 8.96 -1.57 -14.04
CA ARG A 163 9.07 -3.04 -14.02
C ARG A 163 8.81 -3.60 -12.63
N SER A 164 7.88 -2.98 -11.93
CA SER A 164 7.34 -3.58 -10.73
C SER A 164 6.56 -4.84 -11.09
N PRO A 165 6.83 -5.98 -10.42
CA PRO A 165 6.05 -7.18 -10.70
C PRO A 165 4.58 -7.00 -10.35
N MET A 166 3.72 -7.60 -11.17
CA MET A 166 2.29 -7.45 -11.01
C MET A 166 1.80 -8.23 -9.80
N CYS A 167 0.71 -7.73 -9.20
CA CYS A 167 0.12 -8.38 -8.04
C CYS A 167 -0.41 -9.75 -8.45
N GLU A 168 -0.21 -10.76 -7.61
CA GLU A 168 -0.82 -12.03 -7.97
C GLU A 168 -2.33 -11.94 -8.03
N TYR A 169 -2.92 -11.05 -7.23
CA TYR A 169 -4.33 -10.74 -7.38
C TYR A 169 -4.69 -10.44 -8.83
N LEU A 170 -4.00 -9.44 -9.41
CA LEU A 170 -4.31 -9.05 -10.77
C LEU A 170 -4.02 -10.19 -11.73
N VAL A 171 -2.89 -10.88 -11.52
CA VAL A 171 -2.43 -11.87 -12.49
C VAL A 171 -3.48 -12.97 -12.66
N ASN A 172 -3.98 -13.48 -11.55
CA ASN A 172 -4.96 -14.57 -11.66
C ASN A 172 -6.29 -14.04 -12.17
N PHE A 173 -6.63 -12.80 -11.80
CA PHE A 173 -7.86 -12.20 -12.27
C PHE A 173 -7.89 -12.19 -13.78
N LEU A 174 -6.76 -11.84 -14.39
CA LEU A 174 -6.69 -11.66 -15.82
C LEU A 174 -6.79 -12.99 -16.55
N HIS A 175 -6.21 -14.05 -15.97
CA HIS A 175 -6.41 -15.36 -16.56
C HIS A 175 -7.86 -15.78 -16.50
N LYS A 176 -8.53 -15.52 -15.39
CA LYS A 176 -9.94 -15.83 -15.32
C LYS A 176 -10.74 -15.00 -16.31
N LEU A 177 -10.44 -13.70 -16.38
CA LEU A 177 -11.21 -12.84 -17.25
C LEU A 177 -10.97 -13.15 -18.72
N ARG A 178 -9.74 -13.56 -19.11
CA ARG A 178 -9.52 -13.92 -20.52
C ARG A 178 -10.29 -15.18 -20.89
N GLN A 179 -10.48 -16.08 -19.93
CA GLN A 179 -11.24 -17.31 -20.12
C GLN A 179 -12.76 -17.08 -20.26
N LEU A 180 -13.26 -15.88 -19.95
CA LEU A 180 -14.67 -15.56 -20.15
C LEU A 180 -15.05 -15.65 -21.61
N PRO A 181 -16.21 -16.23 -21.96
CA PRO A 181 -16.49 -16.52 -23.38
C PRO A 181 -16.87 -15.30 -24.19
N GLU A 182 -17.48 -14.29 -23.59
CA GLU A 182 -18.06 -13.19 -24.34
C GLU A 182 -17.57 -11.86 -23.80
N ARG A 183 -17.37 -10.91 -24.72
CA ARG A 183 -16.77 -9.64 -24.34
C ARG A 183 -17.69 -8.88 -23.41
N TYR A 184 -19.00 -8.95 -23.65
CA TYR A 184 -19.92 -8.25 -22.75
C TYR A 184 -19.86 -8.82 -21.35
N MET A 185 -19.51 -10.11 -21.23
CA MET A 185 -19.33 -10.71 -19.91
C MET A 185 -18.11 -10.13 -19.19
N MET A 186 -17.01 -9.88 -19.91
CA MET A 186 -15.88 -9.23 -19.28
C MET A 186 -16.22 -7.81 -18.85
N ASN A 187 -16.89 -7.05 -19.71
CA ASN A 187 -17.22 -5.69 -19.37
C ASN A 187 -18.18 -5.60 -18.19
N SER A 188 -19.03 -6.61 -18.00
CA SER A 188 -19.96 -6.56 -16.89
C SER A 188 -19.27 -6.85 -15.57
N VAL A 189 -18.27 -7.73 -15.58
CA VAL A 189 -17.46 -7.89 -14.38
C VAL A 189 -16.64 -6.65 -14.13
N LEU A 190 -15.98 -6.15 -15.17
CA LEU A 190 -15.10 -5.02 -15.00
C LEU A 190 -15.87 -3.78 -14.58
N GLU A 191 -17.16 -3.73 -14.92
CA GLU A 191 -18.03 -2.68 -14.39
C GLU A 191 -17.95 -2.61 -12.87
N ASN A 192 -17.79 -3.74 -12.21
CA ASN A 192 -17.88 -3.76 -10.77
C ASN A 192 -16.54 -3.60 -10.08
N PHE A 193 -15.48 -3.32 -10.83
CA PHE A 193 -14.14 -3.11 -10.28
C PHE A 193 -13.65 -1.74 -10.70
N THR A 194 -13.20 -0.94 -9.72
CA THR A 194 -12.64 0.38 -9.99
C THR A 194 -11.46 0.67 -9.07
N ILE A 195 -10.57 1.53 -9.53
CA ILE A 195 -9.33 1.82 -8.82
C ILE A 195 -9.17 3.31 -8.66
N LEU A 196 -8.85 3.75 -7.46
CA LEU A 196 -8.62 5.16 -7.17
C LEU A 196 -7.16 5.36 -6.78
N GLN A 197 -6.45 6.21 -7.53
CA GLN A 197 -5.03 6.43 -7.35
C GLN A 197 -4.86 7.86 -6.88
N VAL A 198 -4.17 8.04 -5.77
CA VAL A 198 -3.98 9.35 -5.15
C VAL A 198 -2.50 9.55 -4.88
N VAL A 199 -1.91 10.58 -5.48
CA VAL A 199 -0.51 10.92 -5.23
C VAL A 199 -0.45 12.19 -4.42
N THR A 200 0.23 12.12 -3.28
CA THR A 200 0.34 13.26 -2.39
C THR A 200 1.81 13.52 -2.13
N ASN A 201 2.12 14.73 -1.68
CA ASN A 201 3.49 15.06 -1.29
C ASN A 201 3.68 14.62 0.15
N ARG A 202 4.63 13.70 0.38
CA ARG A 202 4.78 13.10 1.70
C ARG A 202 5.12 14.15 2.74
N ASP A 203 5.93 15.15 2.36
CA ASP A 203 6.43 16.14 3.33
C ASP A 203 5.39 17.17 3.69
N THR A 204 4.60 17.61 2.69
CA THR A 204 3.50 18.55 2.92
C THR A 204 2.15 17.88 3.04
N GLN A 205 2.06 16.60 2.71
CA GLN A 205 0.83 15.85 2.83
C GLN A 205 -0.31 16.49 2.03
N GLU A 206 0.02 17.13 0.90
CA GLU A 206 -1.00 17.81 0.11
C GLU A 206 -1.20 17.09 -1.21
N LEU A 207 -2.47 16.93 -1.58
CA LEU A 207 -2.81 16.16 -2.76
C LEU A 207 -2.27 16.81 -4.02
N LEU A 208 -1.56 16.03 -4.83
CA LEU A 208 -1.11 16.51 -6.12
C LEU A 208 -1.89 15.94 -7.29
N LEU A 209 -2.46 14.76 -7.15
CA LEU A 209 -3.11 14.06 -8.25
C LEU A 209 -4.01 13.00 -7.69
N CYS A 210 -5.20 12.92 -8.24
CA CYS A 210 -6.16 11.88 -7.91
C CYS A 210 -6.84 11.43 -9.19
N THR A 211 -6.71 10.14 -9.52
CA THR A 211 -7.24 9.59 -10.77
C THR A 211 -8.17 8.43 -10.42
N ALA A 212 -9.41 8.51 -10.89
CA ALA A 212 -10.29 7.35 -10.84
C ALA A 212 -10.27 6.58 -12.15
N TYR A 213 -10.21 5.25 -12.06
CA TYR A 213 -10.05 4.37 -13.22
C TYR A 213 -11.25 3.45 -13.33
N VAL A 214 -11.85 3.39 -14.50
CA VAL A 214 -12.93 2.47 -14.77
C VAL A 214 -12.47 1.60 -15.92
N PHE A 215 -12.98 0.38 -15.97
CA PHE A 215 -12.37 -0.60 -16.85
C PHE A 215 -13.42 -1.24 -17.75
N GLU A 216 -13.04 -1.36 -19.01
CA GLU A 216 -13.79 -2.09 -20.02
C GLU A 216 -12.77 -2.83 -20.88
N VAL A 217 -13.25 -3.61 -21.83
CA VAL A 217 -12.37 -4.46 -22.62
C VAL A 217 -12.44 -4.04 -24.08
N SER A 218 -11.28 -3.95 -24.70
CA SER A 218 -11.16 -3.60 -26.11
C SER A 218 -11.39 -4.83 -26.97
N THR A 219 -11.68 -4.59 -28.24
CA THR A 219 -11.73 -5.66 -29.22
C THR A 219 -10.37 -6.35 -29.35
N SER A 220 -10.34 -7.52 -29.98
CA SER A 220 -9.06 -8.16 -30.24
C SER A 220 -8.25 -7.38 -31.27
N GLU A 221 -8.92 -6.90 -32.34
CA GLU A 221 -8.27 -6.11 -33.38
C GLU A 221 -7.79 -4.76 -32.86
N ARG A 222 -8.64 -4.10 -32.06
CA ARG A 222 -8.30 -2.90 -31.31
C ARG A 222 -7.40 -3.16 -30.15
N GLY A 223 -6.29 -2.45 -30.05
CA GLY A 223 -5.43 -2.61 -28.90
C GLY A 223 -6.00 -1.99 -27.63
N ALA A 224 -5.14 -1.93 -26.61
CA ALA A 224 -5.44 -1.18 -25.40
C ALA A 224 -5.64 0.30 -25.71
N GLN A 225 -6.62 0.90 -25.04
CA GLN A 225 -7.01 2.28 -25.29
C GLN A 225 -7.38 2.92 -23.96
N HIS A 226 -7.47 4.24 -23.98
CA HIS A 226 -7.85 4.96 -22.79
C HIS A 226 -8.49 6.29 -23.16
N HIS A 227 -9.37 6.76 -22.30
CA HIS A 227 -9.83 8.14 -22.38
C HIS A 227 -9.63 8.80 -21.03
N ILE A 228 -9.16 10.03 -21.05
CA ILE A 228 -8.92 10.81 -19.84
C ILE A 228 -9.96 11.91 -19.77
N TYR A 229 -10.54 12.10 -18.59
CA TYR A 229 -11.46 13.20 -18.35
C TYR A 229 -11.07 13.94 -17.07
N ARG A 230 -11.50 15.20 -16.96
CA ARG A 230 -11.33 15.96 -15.72
C ARG A 230 -12.58 15.80 -14.87
N LEU A 231 -12.39 15.43 -13.60
CA LEU A 231 -13.50 15.39 -12.65
C LEU A 231 -13.85 16.80 -12.19
N VAL A 232 -15.10 17.21 -12.44
CA VAL A 232 -15.57 18.58 -12.21
C VAL A 232 -16.72 18.57 -11.21
N ARG A 233 -17.26 19.74 -10.90
CA ARG A 233 -18.56 19.84 -10.23
C ARG A 233 -19.49 20.86 -10.88
N GLY B 9 15.28 -6.29 24.27
CA GLY B 9 14.62 -5.38 23.36
C GLY B 9 13.94 -6.08 22.20
N LEU B 10 13.26 -5.31 21.34
CA LEU B 10 12.94 -5.75 19.99
C LEU B 10 14.04 -5.25 19.06
N GLY B 11 14.76 -6.18 18.47
CA GLY B 11 15.84 -5.83 17.56
C GLY B 11 16.87 -6.94 17.51
N THR B 12 17.66 -6.92 16.46
CA THR B 12 18.98 -7.54 16.42
C THR B 12 20.08 -6.49 16.57
N ALA B 13 21.31 -6.97 16.77
CA ALA B 13 22.45 -6.07 16.85
C ALA B 13 22.54 -5.20 15.60
N ARG B 14 22.20 -5.76 14.45
CA ARG B 14 22.28 -5.01 13.21
C ARG B 14 21.23 -3.90 13.15
N LEU B 15 20.04 -4.13 13.72
CA LEU B 15 19.01 -3.08 13.78
C LEU B 15 18.15 -3.19 15.04
N GLN B 16 18.01 -2.08 15.75
CA GLN B 16 17.26 -1.99 16.99
C GLN B 16 16.02 -1.14 16.77
N LEU B 17 14.91 -1.51 17.41
CA LEU B 17 13.70 -0.68 17.41
C LEU B 17 13.67 0.13 18.70
N VAL B 18 13.84 1.45 18.59
CA VAL B 18 13.80 2.30 19.77
C VAL B 18 12.36 2.56 20.21
N GLU B 19 11.45 2.81 19.25
CA GLU B 19 10.11 3.22 19.64
C GLU B 19 9.17 3.08 18.45
N PHE B 20 7.91 2.77 18.77
CA PHE B 20 6.84 2.68 17.78
C PHE B 20 5.52 3.03 18.45
N SER B 21 4.69 3.80 17.75
CA SER B 21 3.38 4.16 18.27
C SER B 21 2.44 4.50 17.11
N ALA B 22 1.26 3.91 17.14
CA ALA B 22 0.14 4.36 16.30
C ALA B 22 -0.83 5.19 17.12
N PHE B 23 -1.38 6.25 16.50
CA PHE B 23 -1.96 7.35 17.25
C PHE B 23 -2.91 8.16 16.37
N VAL B 24 -3.75 8.98 17.04
CA VAL B 24 -4.61 9.95 16.37
C VAL B 24 -4.49 11.31 17.06
N GLU B 25 -4.73 12.36 16.26
CA GLU B 25 -4.37 13.74 16.51
C GLU B 25 -5.48 14.66 15.99
N PRO B 26 -5.64 15.85 16.60
CA PRO B 26 -6.35 16.90 15.83
C PRO B 26 -5.75 17.16 14.44
N GLN B 34 -1.82 17.16 21.44
CA GLN B 34 -1.49 15.85 21.97
C GLN B 34 -2.42 14.75 21.38
N ARG B 35 -2.08 13.49 21.62
CA ARG B 35 -2.42 12.35 20.76
C ARG B 35 -3.11 11.27 21.56
N HIS B 36 -3.87 10.43 20.87
CA HIS B 36 -4.27 9.15 21.46
C HIS B 36 -3.43 8.03 20.89
N LEU B 37 -2.79 7.27 21.77
CA LEU B 37 -1.98 6.13 21.37
C LEU B 37 -2.82 4.86 21.42
N PHE B 38 -3.01 4.23 20.26
CA PHE B 38 -3.66 2.91 20.24
C PHE B 38 -2.73 1.83 20.74
N VAL B 39 -1.50 1.80 20.20
CA VAL B 39 -0.46 0.87 20.62
C VAL B 39 0.82 1.68 20.77
N HIS B 40 1.68 1.25 21.70
CA HIS B 40 2.89 2.02 21.98
C HIS B 40 3.97 1.12 22.56
N ILE B 41 5.14 1.09 21.91
CA ILE B 41 6.35 0.47 22.43
C ILE B 41 7.42 1.52 22.64
N SER B 42 8.17 1.41 23.74
CA SER B 42 9.44 2.15 23.85
C SER B 42 10.39 1.44 24.81
N GLN B 43 11.68 1.79 24.67
CA GLN B 43 12.80 0.98 25.18
C GLN B 43 14.06 1.83 25.44
N PRO B 51 15.53 -10.70 32.20
CA PRO B 51 14.21 -11.04 31.65
C PRO B 51 14.25 -11.47 30.19
N PRO B 52 14.31 -12.79 29.95
CA PRO B 52 14.41 -13.29 28.57
C PRO B 52 13.10 -13.20 27.81
N LEU B 53 13.23 -13.05 26.49
CA LEU B 53 12.07 -12.88 25.62
C LEU B 53 11.46 -14.24 25.29
N GLU B 54 10.19 -14.42 25.66
CA GLU B 54 9.52 -15.70 25.45
C GLU B 54 9.40 -15.99 23.97
N SER B 55 9.45 -17.26 23.60
CA SER B 55 9.53 -17.68 22.21
C SER B 55 8.20 -18.30 21.77
N VAL B 56 7.97 -18.28 20.45
CA VAL B 56 6.72 -18.78 19.87
C VAL B 56 7.03 -19.43 18.53
N ASP B 57 6.60 -20.69 18.38
CA ASP B 57 6.81 -21.40 17.13
C ASP B 57 6.09 -20.72 15.99
N VAL B 58 6.83 -20.46 14.90
CA VAL B 58 6.21 -19.81 13.75
C VAL B 58 5.28 -20.76 13.01
N ARG B 59 5.52 -22.08 13.11
CA ARG B 59 4.60 -23.04 12.53
C ARG B 59 3.17 -22.79 12.99
N GLN B 60 3.02 -22.18 14.17
CA GLN B 60 1.70 -22.02 14.76
C GLN B 60 0.88 -20.97 14.04
N ILE B 61 1.51 -19.89 13.62
CA ILE B 61 0.79 -18.72 13.15
C ILE B 61 0.74 -18.65 11.63
N TYR B 62 1.01 -19.78 10.94
CA TYR B 62 0.99 -19.75 9.49
C TYR B 62 -0.41 -19.47 8.96
N ASP B 63 -1.45 -19.92 9.67
CA ASP B 63 -2.82 -19.72 9.20
C ASP B 63 -3.16 -18.24 9.09
N LYS B 64 -2.58 -17.41 9.97
CA LYS B 64 -3.00 -16.02 10.07
C LYS B 64 -2.62 -15.23 8.82
N PHE B 65 -1.42 -15.46 8.27
CA PHE B 65 -0.80 -14.67 7.22
C PHE B 65 -0.85 -15.40 5.88
N PRO B 66 -0.61 -14.70 4.76
CA PRO B 66 -0.72 -15.37 3.45
C PRO B 66 0.32 -16.46 3.26
N GLU B 67 -0.07 -17.50 2.54
CA GLU B 67 0.83 -18.59 2.19
C GLU B 67 1.67 -18.29 0.95
N LYS B 68 1.39 -17.21 0.24
CA LYS B 68 2.07 -16.87 -1.00
C LYS B 68 3.27 -15.99 -0.68
N LYS B 69 3.88 -15.40 -1.72
CA LYS B 69 5.01 -14.50 -1.56
C LYS B 69 4.65 -13.36 -0.61
N GLY B 70 5.59 -13.04 0.27
CA GLY B 70 5.29 -12.33 1.50
C GLY B 70 4.69 -13.16 2.61
N GLY B 71 4.67 -14.49 2.47
CA GLY B 71 4.29 -15.34 3.59
C GLY B 71 5.39 -15.38 4.63
N LEU B 72 4.96 -15.40 5.90
CA LEU B 72 5.89 -15.64 6.98
C LEU B 72 6.71 -16.91 6.73
N ARG B 73 6.04 -17.96 6.24
CA ARG B 73 6.74 -19.18 5.87
C ARG B 73 7.83 -18.92 4.85
N GLU B 74 7.50 -18.20 3.77
CA GLU B 74 8.47 -17.99 2.72
C GLU B 74 9.62 -17.14 3.24
N LEU B 75 9.30 -16.10 4.02
CA LEU B 75 10.33 -15.24 4.60
C LEU B 75 11.18 -15.99 5.60
N TYR B 76 10.56 -16.82 6.45
CA TYR B 76 11.31 -17.44 7.53
C TYR B 76 12.38 -18.40 7.03
N ASP B 77 12.04 -19.22 6.03
CA ASP B 77 13.02 -20.12 5.42
C ASP B 77 14.26 -19.34 4.99
N ARG B 78 14.05 -18.27 4.20
CA ARG B 78 15.16 -17.43 3.76
C ARG B 78 15.99 -16.97 4.95
N GLY B 79 15.34 -16.56 6.02
CA GLY B 79 16.01 -16.29 7.27
C GLY B 79 16.60 -14.90 7.31
N PRO B 80 17.33 -14.58 8.38
CA PRO B 80 17.69 -15.47 9.48
C PRO B 80 16.53 -15.69 10.43
N PRO B 81 16.43 -16.89 10.97
CA PRO B 81 15.40 -17.16 11.97
C PRO B 81 15.50 -16.29 13.22
N HIS B 82 16.66 -15.69 13.45
CA HIS B 82 16.85 -14.82 14.62
C HIS B 82 16.40 -13.39 14.37
N ALA B 83 15.87 -13.09 13.17
CA ALA B 83 15.34 -11.78 12.83
C ALA B 83 13.86 -11.63 13.12
N PHE B 84 13.08 -12.72 13.08
CA PHE B 84 11.61 -12.65 13.11
C PHE B 84 11.10 -12.53 14.53
N PHE B 85 10.14 -11.63 14.76
CA PHE B 85 9.55 -11.43 16.07
C PHE B 85 8.03 -11.48 16.01
N LEU B 86 7.42 -11.57 17.18
CA LEU B 86 5.97 -11.44 17.34
C LEU B 86 5.65 -10.48 18.47
N VAL B 87 4.65 -9.64 18.22
CA VAL B 87 4.11 -8.75 19.24
C VAL B 87 2.61 -9.00 19.30
N LYS B 88 2.11 -9.38 20.47
CA LYS B 88 0.67 -9.27 20.69
C LYS B 88 0.36 -7.88 21.22
N PHE B 89 -0.50 -7.15 20.53
CA PHE B 89 -0.94 -5.86 21.03
C PHE B 89 -2.29 -5.94 21.69
N TRP B 90 -2.47 -5.18 22.76
CA TRP B 90 -3.80 -4.91 23.30
C TRP B 90 -4.08 -3.42 23.11
N ALA B 91 -4.85 -3.07 22.07
CA ALA B 91 -5.12 -1.67 21.79
C ALA B 91 -5.89 -1.01 22.95
N ASP B 92 -5.78 0.31 23.03
CA ASP B 92 -6.75 1.13 23.75
C ASP B 92 -7.60 1.84 22.71
N LEU B 93 -8.88 1.51 22.65
CA LEU B 93 -9.79 2.00 21.63
C LEU B 93 -10.69 3.13 22.14
N ASN B 94 -10.37 3.71 23.30
CA ASN B 94 -11.19 4.76 23.89
C ASN B 94 -10.58 6.11 23.55
N TRP B 95 -11.24 6.84 22.66
CA TRP B 95 -10.85 8.19 22.31
C TRP B 95 -12.02 9.02 21.85
N GLY B 111 -12.41 12.40 13.45
CA GLY B 111 -10.97 12.40 13.65
C GLY B 111 -10.16 13.14 12.60
N GLY B 112 -9.09 13.82 13.01
CA GLY B 112 -8.30 14.61 12.08
C GLY B 112 -7.06 14.00 11.44
N PHE B 113 -6.09 13.55 12.25
CA PHE B 113 -4.88 12.91 11.71
C PHE B 113 -4.67 11.56 12.38
N TYR B 114 -4.61 10.51 11.55
CA TYR B 114 -4.26 9.16 11.97
C TYR B 114 -2.90 8.79 11.39
N GLY B 115 -1.92 8.50 12.25
CA GLY B 115 -0.56 8.33 11.80
C GLY B 115 0.17 7.25 12.59
N VAL B 116 1.30 6.81 12.04
CA VAL B 116 2.22 5.88 12.71
C VAL B 116 3.63 6.46 12.72
N SER B 117 4.27 6.46 13.88
CA SER B 117 5.67 6.85 14.03
C SER B 117 6.47 5.67 14.56
N SER B 118 7.44 5.24 13.77
CA SER B 118 8.35 4.18 14.17
C SER B 118 9.79 4.65 13.99
N GLN B 119 10.61 4.32 14.98
CA GLN B 119 11.99 4.78 15.02
C GLN B 119 12.94 3.61 15.29
N TYR B 120 14.08 3.60 14.60
CA TYR B 120 15.01 2.49 14.70
C TYR B 120 16.45 2.99 14.84
N GLU B 121 17.35 2.11 15.28
CA GLU B 121 18.73 2.50 15.51
C GLU B 121 19.64 1.40 15.03
N SER B 122 20.78 1.79 14.46
CA SER B 122 21.81 0.82 14.13
C SER B 122 23.17 1.50 14.27
N LEU B 123 24.21 0.68 14.16
CA LEU B 123 25.57 1.21 14.06
C LEU B 123 26.11 1.20 12.63
N GLU B 124 25.36 0.69 11.66
CA GLU B 124 25.76 0.72 10.27
C GLU B 124 24.94 1.77 9.53
N HIS B 125 25.56 2.39 8.53
CA HIS B 125 24.80 3.27 7.63
C HIS B 125 24.06 2.43 6.60
N MET B 126 22.74 2.54 6.63
CA MET B 126 21.85 1.75 5.80
C MET B 126 20.73 2.65 5.33
N THR B 127 20.07 2.19 4.28
CA THR B 127 18.80 2.74 3.83
C THR B 127 17.75 1.64 3.90
N LEU B 128 16.63 1.92 4.56
CA LEU B 128 15.73 0.88 5.03
C LEU B 128 14.47 0.87 4.18
N THR B 129 14.05 -0.33 3.73
CA THR B 129 12.75 -0.55 3.10
C THR B 129 11.85 -1.29 4.09
N CYS B 130 10.76 -0.64 4.52
CA CYS B 130 9.87 -1.12 5.56
C CYS B 130 8.52 -1.45 4.94
N SER B 131 8.33 -2.69 4.53
CA SER B 131 7.05 -3.08 3.97
C SER B 131 6.12 -3.45 5.12
N SER B 132 5.02 -2.72 5.27
CA SER B 132 3.99 -3.07 6.26
C SER B 132 2.83 -3.66 5.51
N LYS B 133 2.51 -4.91 5.78
CA LYS B 133 1.49 -5.63 5.04
C LYS B 133 0.39 -6.03 6.00
N VAL B 134 -0.85 -5.68 5.67
CA VAL B 134 -2.00 -5.91 6.52
C VAL B 134 -2.84 -7.00 5.91
N CYS B 135 -3.18 -8.03 6.69
CA CYS B 135 -3.90 -9.19 6.19
C CYS B 135 -5.17 -9.36 6.99
N SER B 136 -6.30 -9.54 6.31
CA SER B 136 -7.60 -9.65 6.95
C SER B 136 -8.27 -10.93 6.45
N PHE B 137 -8.65 -11.77 7.40
CA PHE B 137 -9.12 -13.13 7.10
C PHE B 137 -8.08 -13.89 6.27
N GLY B 138 -6.80 -13.67 6.57
CA GLY B 138 -5.75 -14.46 5.98
C GLY B 138 -5.41 -14.10 4.55
N LYS B 139 -6.04 -13.08 3.99
CA LYS B 139 -5.68 -12.52 2.70
C LYS B 139 -5.09 -11.13 2.94
N GLN B 140 -3.95 -10.84 2.29
CA GLN B 140 -3.36 -9.50 2.39
C GLN B 140 -4.28 -8.48 1.73
N VAL B 141 -4.55 -7.39 2.43
CA VAL B 141 -5.45 -6.35 1.90
C VAL B 141 -4.81 -4.98 1.81
N VAL B 142 -3.61 -4.80 2.33
CA VAL B 142 -2.91 -3.53 2.27
C VAL B 142 -1.44 -3.85 2.24
N GLU B 143 -0.67 -3.12 1.46
CA GLU B 143 0.79 -3.16 1.58
C GLU B 143 1.34 -1.74 1.45
N LYS B 144 2.04 -1.28 2.49
CA LYS B 144 2.70 0.03 2.49
C LYS B 144 4.20 -0.20 2.49
N VAL B 145 4.89 0.40 1.52
CA VAL B 145 6.34 0.36 1.42
C VAL B 145 6.88 1.77 1.62
N GLU B 146 7.86 1.91 2.51
CA GLU B 146 8.37 3.20 2.91
C GLU B 146 9.90 3.11 2.95
N THR B 147 10.56 4.26 2.81
CA THR B 147 12.02 4.26 2.83
C THR B 147 12.52 5.41 3.69
N GLU B 148 13.49 5.12 4.57
CA GLU B 148 14.19 6.12 5.36
C GLU B 148 15.70 5.90 5.32
N ARG B 149 16.45 6.96 5.03
CA ARG B 149 17.91 6.94 5.04
C ARG B 149 18.45 7.12 6.46
N ALA B 150 19.66 6.62 6.66
CA ALA B 150 20.27 6.71 7.98
C ALA B 150 20.58 8.17 8.33
N GLN B 151 20.28 8.54 9.56
CA GLN B 151 20.70 9.84 10.09
C GLN B 151 21.71 9.61 11.20
N LEU B 152 22.89 10.22 11.06
CA LEU B 152 23.92 10.20 12.10
C LEU B 152 23.52 11.11 13.26
N GLU B 153 23.18 10.53 14.41
CA GLU B 153 22.80 11.34 15.56
C GLU B 153 23.37 10.72 16.83
N ASP B 154 24.08 11.53 17.59
CA ASP B 154 24.70 11.13 18.85
C ASP B 154 25.46 9.81 18.70
N GLY B 155 26.29 9.77 17.66
CA GLY B 155 27.23 8.68 17.47
C GLY B 155 26.60 7.36 17.06
N ARG B 156 25.33 7.37 16.70
CA ARG B 156 24.63 6.20 16.22
C ARG B 156 23.91 6.58 14.95
N PHE B 157 23.53 5.56 14.18
CA PHE B 157 22.63 5.77 13.06
C PHE B 157 21.20 5.48 13.48
N VAL B 158 20.37 6.53 13.42
CA VAL B 158 18.98 6.50 13.85
C VAL B 158 18.11 6.78 12.64
N TYR B 159 17.06 5.99 12.48
CA TYR B 159 16.12 6.09 11.38
C TYR B 159 14.76 6.47 11.92
N ARG B 160 14.16 7.53 11.36
CA ARG B 160 12.90 8.10 11.85
C ARG B 160 11.90 8.12 10.71
N LEU B 161 10.97 7.15 10.71
CA LEU B 161 9.81 7.21 9.81
C LEU B 161 8.57 7.75 10.52
N LEU B 162 8.60 9.01 10.95
CA LEU B 162 7.60 9.48 11.89
C LEU B 162 6.39 10.07 11.16
N ARG B 163 5.21 9.96 11.81
CA ARG B 163 3.95 10.55 11.32
C ARG B 163 3.62 10.10 9.90
N SER B 164 3.96 8.85 9.59
CA SER B 164 3.48 8.21 8.38
C SER B 164 1.96 8.16 8.42
N PRO B 165 1.26 8.65 7.39
CA PRO B 165 -0.20 8.59 7.39
C PRO B 165 -0.67 7.15 7.42
N MET B 166 -1.54 6.86 8.38
CA MET B 166 -2.13 5.54 8.48
C MET B 166 -3.02 5.29 7.29
N CYS B 167 -2.95 4.06 6.78
CA CYS B 167 -3.68 3.75 5.56
C CYS B 167 -5.17 3.89 5.78
N GLU B 168 -5.88 4.32 4.73
CA GLU B 168 -7.32 4.54 4.83
C GLU B 168 -8.04 3.29 5.29
N TYR B 169 -7.56 2.12 4.87
CA TYR B 169 -8.17 0.86 5.29
C TYR B 169 -8.24 0.79 6.81
N LEU B 170 -7.10 0.98 7.47
CA LEU B 170 -7.06 0.88 8.92
C LEU B 170 -7.92 1.96 9.57
N VAL B 171 -7.85 3.18 9.03
CA VAL B 171 -8.63 4.26 9.62
C VAL B 171 -10.11 3.95 9.54
N ASN B 172 -10.57 3.51 8.37
CA ASN B 172 -11.95 3.06 8.25
C ASN B 172 -12.22 1.91 9.21
N PHE B 173 -11.37 0.88 9.17
CA PHE B 173 -11.56 -0.26 10.03
C PHE B 173 -11.53 0.13 11.50
N LEU B 174 -10.67 1.07 11.88
CA LEU B 174 -10.68 1.56 13.25
C LEU B 174 -11.99 2.23 13.59
N HIS B 175 -12.50 3.03 12.65
CA HIS B 175 -13.76 3.72 12.85
C HIS B 175 -14.88 2.71 13.02
N LYS B 176 -14.91 1.68 12.18
CA LYS B 176 -15.88 0.60 12.35
C LYS B 176 -15.71 -0.10 13.69
N LEU B 177 -14.46 -0.43 14.04
CA LEU B 177 -14.25 -1.22 15.24
C LEU B 177 -14.73 -0.48 16.47
N ARG B 178 -14.56 0.83 16.49
CA ARG B 178 -14.83 1.64 17.67
C ARG B 178 -16.27 1.50 18.14
N GLN B 179 -17.23 1.36 17.21
CA GLN B 179 -18.64 1.42 17.56
C GLN B 179 -19.23 0.06 17.91
N LEU B 180 -18.39 -0.96 18.06
CA LEU B 180 -18.87 -2.27 18.48
C LEU B 180 -19.30 -2.24 19.95
N PRO B 181 -20.45 -2.82 20.29
CA PRO B 181 -21.02 -2.59 21.62
C PRO B 181 -20.21 -3.19 22.75
N GLU B 182 -19.52 -4.32 22.51
CA GLU B 182 -18.83 -5.04 23.58
C GLU B 182 -17.41 -5.41 23.15
N ARG B 183 -16.50 -5.44 24.13
CA ARG B 183 -15.09 -5.62 23.82
C ARG B 183 -14.83 -7.01 23.24
N TYR B 184 -15.51 -8.04 23.76
CA TYR B 184 -15.29 -9.38 23.24
C TYR B 184 -15.67 -9.49 21.77
N MET B 185 -16.65 -8.71 21.33
CA MET B 185 -16.93 -8.67 19.89
C MET B 185 -15.77 -8.07 19.13
N MET B 186 -15.15 -7.04 19.68
CA MET B 186 -13.97 -6.47 19.04
C MET B 186 -12.88 -7.52 18.90
N ASN B 187 -12.61 -8.26 19.96
CA ASN B 187 -11.54 -9.25 19.88
C ASN B 187 -11.85 -10.35 18.87
N SER B 188 -13.13 -10.69 18.69
CA SER B 188 -13.50 -11.69 17.71
C SER B 188 -13.27 -11.20 16.29
N VAL B 189 -13.40 -9.89 16.07
CA VAL B 189 -13.05 -9.33 14.77
C VAL B 189 -11.55 -9.33 14.56
N LEU B 190 -10.80 -8.98 15.61
CA LEU B 190 -9.36 -8.84 15.51
C LEU B 190 -8.66 -10.18 15.48
N GLU B 191 -9.38 -11.27 15.77
CA GLU B 191 -8.86 -12.59 15.47
C GLU B 191 -8.42 -12.70 14.02
N ASN B 192 -9.12 -12.05 13.11
CA ASN B 192 -8.93 -12.29 11.69
C ASN B 192 -8.04 -11.27 11.02
N PHE B 193 -7.34 -10.46 11.80
CA PHE B 193 -6.65 -9.26 11.35
C PHE B 193 -5.22 -9.30 11.88
N THR B 194 -4.24 -9.19 10.96
CA THR B 194 -2.82 -9.36 11.27
C THR B 194 -2.00 -8.42 10.39
N ILE B 195 -0.93 -7.87 10.98
CA ILE B 195 -0.04 -6.94 10.29
C ILE B 195 1.40 -7.42 10.41
N LEU B 196 2.12 -7.38 9.29
CA LEU B 196 3.48 -7.91 9.20
C LEU B 196 4.40 -6.83 8.65
N GLN B 197 5.34 -6.37 9.46
CA GLN B 197 6.25 -5.33 9.05
C GLN B 197 7.60 -5.95 8.80
N VAL B 198 8.10 -5.77 7.59
CA VAL B 198 9.35 -6.37 7.14
C VAL B 198 10.30 -5.23 6.88
N VAL B 199 11.43 -5.22 7.57
CA VAL B 199 12.47 -4.23 7.34
C VAL B 199 13.67 -4.90 6.72
N THR B 200 14.10 -4.41 5.54
CA THR B 200 15.24 -4.92 4.82
C THR B 200 16.18 -3.76 4.52
N ASN B 201 17.45 -4.07 4.29
CA ASN B 201 18.37 -3.07 3.75
C ASN B 201 18.08 -2.89 2.27
N ARG B 202 17.77 -1.66 1.85
CA ARG B 202 17.35 -1.46 0.47
C ARG B 202 18.46 -1.88 -0.49
N ASP B 203 19.71 -1.51 -0.18
CA ASP B 203 20.81 -1.73 -1.09
C ASP B 203 21.11 -3.22 -1.23
N THR B 204 21.20 -3.92 -0.10
CA THR B 204 21.51 -5.35 -0.10
C THR B 204 20.28 -6.24 -0.24
N GLN B 205 19.09 -5.67 -0.11
CA GLN B 205 17.83 -6.42 -0.17
C GLN B 205 17.84 -7.62 0.78
N GLU B 206 18.36 -7.42 1.99
CA GLU B 206 18.43 -8.49 2.98
C GLU B 206 17.57 -8.11 4.17
N LEU B 207 16.85 -9.10 4.70
CA LEU B 207 15.94 -8.86 5.82
C LEU B 207 16.72 -8.51 7.07
N LEU B 208 16.35 -7.41 7.71
CA LEU B 208 16.95 -7.04 8.99
C LEU B 208 16.04 -7.32 10.15
N LEU B 209 14.75 -7.20 9.92
CA LEU B 209 13.78 -7.30 10.98
C LEU B 209 12.47 -7.69 10.34
N CYS B 210 11.72 -8.52 11.05
CA CYS B 210 10.40 -8.94 10.63
C CYS B 210 9.55 -9.06 11.88
N THR B 211 8.63 -8.13 12.07
CA THR B 211 7.79 -8.09 13.26
C THR B 211 6.35 -8.43 12.86
N ALA B 212 5.82 -9.49 13.44
CA ALA B 212 4.40 -9.75 13.30
C ALA B 212 3.65 -9.02 14.40
N TYR B 213 2.41 -8.66 14.10
CA TYR B 213 1.55 -8.05 15.09
C TYR B 213 0.21 -8.75 15.07
N VAL B 214 -0.30 -9.06 16.24
CA VAL B 214 -1.67 -9.53 16.44
C VAL B 214 -2.30 -8.62 17.48
N PHE B 215 -3.62 -8.50 17.41
CA PHE B 215 -4.28 -7.42 18.12
C PHE B 215 -5.48 -7.93 18.89
N GLU B 216 -5.62 -7.47 20.14
CA GLU B 216 -6.85 -7.50 20.92
C GLU B 216 -7.02 -6.14 21.59
N VAL B 217 -8.04 -6.04 22.46
CA VAL B 217 -8.32 -4.83 23.21
C VAL B 217 -8.36 -5.14 24.69
N SER B 218 -7.98 -4.15 25.51
CA SER B 218 -8.11 -4.25 26.96
C SER B 218 -8.99 -3.12 27.49
N THR B 219 -9.43 -3.27 28.75
CA THR B 219 -10.28 -2.27 29.38
C THR B 219 -9.63 -0.89 29.30
N SER B 220 -10.47 0.14 29.17
CA SER B 220 -9.95 1.50 29.15
C SER B 220 -9.31 1.89 30.47
N GLU B 221 -9.75 1.25 31.57
CA GLU B 221 -8.99 1.33 32.81
C GLU B 221 -7.54 0.95 32.59
N ARG B 222 -7.28 -0.21 31.99
CA ARG B 222 -5.92 -0.70 31.80
C ARG B 222 -5.36 -0.12 30.52
N GLY B 223 -4.29 0.68 30.65
CA GLY B 223 -3.67 1.32 29.51
C GLY B 223 -3.32 0.37 28.39
N ALA B 224 -3.15 0.91 27.18
CA ALA B 224 -2.65 0.12 26.06
C ALA B 224 -1.36 -0.61 26.41
N GLN B 225 -1.32 -1.92 26.12
CA GLN B 225 -0.28 -2.81 26.58
C GLN B 225 0.16 -3.71 25.42
N HIS B 226 1.36 -4.25 25.52
CA HIS B 226 1.90 -5.11 24.49
C HIS B 226 2.64 -6.27 25.15
N HIS B 227 3.11 -7.22 24.34
CA HIS B 227 3.84 -8.38 24.89
C HIS B 227 4.74 -8.98 23.81
N ILE B 228 6.04 -8.68 23.88
CA ILE B 228 6.95 -8.96 22.76
C ILE B 228 7.51 -10.37 22.84
N TYR B 229 7.45 -11.11 21.74
CA TYR B 229 7.95 -12.47 21.64
C TYR B 229 8.96 -12.59 20.52
N ARG B 230 9.61 -13.74 20.45
CA ARG B 230 10.45 -14.13 19.32
C ARG B 230 9.83 -15.30 18.59
N LEU B 231 10.03 -15.36 17.29
CA LEU B 231 9.52 -16.48 16.51
C LEU B 231 10.63 -17.51 16.34
N VAL B 232 10.25 -18.79 16.42
CA VAL B 232 11.24 -19.86 16.50
C VAL B 232 10.79 -21.07 15.69
N ARG B 233 11.76 -21.93 15.37
CA ARG B 233 11.59 -23.14 14.54
C ARG B 233 12.87 -23.96 14.52
N1 EGK C . -0.03 -3.75 -8.61
C4 EGK C . -3.28 0.21 -11.21
C5 EGK C . -3.39 1.52 -10.74
C6 EGK C . -4.12 2.46 -11.47
C7 EGK C . -4.75 2.13 -12.68
C8 EGK C . -4.67 0.84 -13.20
C10 EGK C . -3.88 -1.53 -13.06
C13 EGK C . 0.52 -0.36 -7.59
C15 EGK C . 0.92 -2.68 -8.43
N EGK C . 1.45 -5.34 -8.30
C EGK C . 0.27 -4.95 -8.08
C1 EGK C . -1.23 -3.23 -9.31
C11 EGK C . -0.46 0.19 -9.91
C12 EGK C . 0.62 0.48 -8.86
C14 EGK C . -0.09 -1.74 -7.79
C2 EGK C . -1.37 -1.84 -8.61
C3 EGK C . -1.70 -0.55 -9.42
C9 EGK C . -3.96 -0.13 -12.50
F EGK C . -4.34 -2.40 -12.17
F1 EGK C . -4.59 -1.60 -14.18
F2 EGK C . -2.61 -1.82 -13.28
N2 EGK C . -2.59 -0.76 -10.54
#